data_3CAW
#
_entry.id   3CAW
#
_cell.length_a   53.381
_cell.length_b   78.610
_cell.length_c   78.462
_cell.angle_alpha   90.00
_cell.angle_beta   91.78
_cell.angle_gamma   90.00
#
_symmetry.space_group_name_H-M   'P 1 21 1'
#
loop_
_entity.id
_entity.type
_entity.pdbx_description
1 polymer 'o-succinylbenzoate synthase'
2 non-polymer 'MAGNESIUM ION'
3 water water
#
_entity_poly.entity_id   1
_entity_poly.type   'polypeptide(L)'
_entity_poly.pdbx_seq_one_letter_code
;MIKISYSPYTLKPVQSLNAATAATAREGVLLKVEWNDGLYGFADLHPWPELGDLSLEEQLSDLRMGRMTTQIEQSIWLAR
RDALLRKEKKHVFDGGEKIKNNYLLSHFQDLKPGFLDGLKNEGYNTVKVKMGRDLQKEADMLTHIAASGMRMRLDFNALG
SWQTFEKFMVNLPLTVRPLIEYVEDPFPFDFHAWGEARKLAKIALDNQYDKVPWGKIASAPFDVIVIKPAKTDVDKAVAQ
CQKWNLKLAVTSYMDHPVGVVHAVGVAMELKDKYGDMILESGCLTHRLYQMDSFAAELSTQGPYLLKNKGTGVGFDKLLE
ALTWYQLKVR
;
_entity_poly.pdbx_strand_id   A,B
#
loop_
_chem_comp.id
_chem_comp.type
_chem_comp.name
_chem_comp.formula
MG non-polymer 'MAGNESIUM ION' 'Mg 2'
#
# COMPACT_ATOMS: atom_id res chain seq x y z
N LYS A 3 -8.68 -16.62 35.30
CA LYS A 3 -9.12 -17.17 33.99
C LYS A 3 -8.27 -16.64 32.84
N ILE A 4 -7.96 -17.51 31.89
CA ILE A 4 -7.18 -17.12 30.72
C ILE A 4 -7.87 -17.72 29.50
N SER A 5 -8.22 -16.87 28.54
CA SER A 5 -8.88 -17.30 27.31
C SER A 5 -8.10 -16.78 26.11
N TYR A 6 -8.32 -17.37 24.95
CA TYR A 6 -7.61 -16.91 23.76
C TYR A 6 -8.43 -16.80 22.50
N SER A 7 -7.87 -16.07 21.54
CA SER A 7 -8.47 -15.89 20.22
C SER A 7 -7.29 -15.95 19.27
N PRO A 8 -7.26 -16.96 18.39
CA PRO A 8 -6.15 -17.12 17.44
C PRO A 8 -6.19 -16.15 16.26
N TYR A 9 -5.02 -15.95 15.66
CA TYR A 9 -4.90 -15.08 14.50
C TYR A 9 -3.65 -15.44 13.70
N THR A 10 -3.60 -14.96 12.47
CA THR A 10 -2.45 -15.17 11.62
C THR A 10 -2.13 -13.81 11.02
N LEU A 11 -0.85 -13.51 10.90
CA LEU A 11 -0.39 -12.25 10.32
C LEU A 11 0.40 -12.59 9.07
N LYS A 12 0.13 -11.90 7.98
CA LYS A 12 0.82 -12.14 6.73
C LYS A 12 1.83 -11.04 6.46
N PRO A 13 3.11 -11.39 6.36
CA PRO A 13 4.15 -10.40 6.09
C PRO A 13 3.86 -9.68 4.78
N VAL A 14 4.23 -8.41 4.69
CA VAL A 14 4.01 -7.63 3.49
C VAL A 14 4.85 -8.18 2.33
N ALA A 25 3.33 -16.96 6.61
CA ALA A 25 2.42 -16.34 7.58
C ALA A 25 2.87 -16.64 9.00
N ARG A 26 2.37 -15.86 9.96
CA ARG A 26 2.73 -16.04 11.36
C ARG A 26 1.51 -16.29 12.23
N GLU A 27 1.67 -17.18 13.20
CA GLU A 27 0.57 -17.52 14.11
C GLU A 27 0.82 -17.00 15.52
N GLY A 28 -0.26 -16.59 16.16
CA GLY A 28 -0.19 -16.09 17.52
C GLY A 28 -1.61 -16.10 18.05
N VAL A 29 -1.79 -15.69 19.30
CA VAL A 29 -3.12 -15.62 19.88
C VAL A 29 -3.22 -14.38 20.73
N LEU A 30 -4.43 -13.82 20.82
CA LEU A 30 -4.65 -12.67 21.68
C LEU A 30 -5.13 -13.35 22.96
N LEU A 31 -4.86 -12.74 24.10
CA LEU A 31 -5.28 -13.33 25.36
C LEU A 31 -6.20 -12.41 26.13
N LYS A 32 -7.20 -13.00 26.77
CA LYS A 32 -8.14 -12.27 27.60
C LYS A 32 -7.92 -12.87 28.98
N VAL A 33 -7.48 -12.04 29.92
CA VAL A 33 -7.19 -12.47 31.28
C VAL A 33 -8.15 -11.83 32.28
N GLU A 34 -8.64 -12.64 33.21
CA GLU A 34 -9.58 -12.17 34.22
C GLU A 34 -9.08 -12.46 35.64
N TRP A 35 -9.21 -11.47 36.52
CA TRP A 35 -8.75 -11.60 37.90
C TRP A 35 -9.89 -11.69 38.91
N ASN A 36 -9.53 -11.92 40.17
CA ASN A 36 -10.51 -12.03 41.24
C ASN A 36 -11.30 -10.73 41.41
N ASP A 37 -10.57 -9.62 41.57
CA ASP A 37 -11.20 -8.31 41.76
C ASP A 37 -12.22 -7.93 40.68
N GLY A 38 -12.52 -8.87 39.78
CA GLY A 38 -13.49 -8.60 38.73
C GLY A 38 -12.97 -7.87 37.50
N LEU A 39 -11.66 -7.67 37.43
CA LEU A 39 -11.07 -6.97 36.30
C LEU A 39 -10.63 -7.92 35.19
N TYR A 40 -10.63 -7.44 33.96
CA TYR A 40 -10.20 -8.24 32.81
C TYR A 40 -9.45 -7.34 31.83
N GLY A 41 -8.45 -7.92 31.18
CA GLY A 41 -7.65 -7.17 30.23
C GLY A 41 -7.20 -8.04 29.07
N PHE A 42 -6.57 -7.41 28.08
CA PHE A 42 -6.13 -8.10 26.88
C PHE A 42 -4.64 -7.89 26.59
N ALA A 43 -4.05 -8.88 25.94
CA ALA A 43 -2.64 -8.83 25.56
C ALA A 43 -2.40 -9.77 24.38
N ASP A 44 -1.19 -9.71 23.83
CA ASP A 44 -0.83 -10.55 22.69
C ASP A 44 0.24 -11.55 23.10
N LEU A 45 0.28 -12.68 22.41
CA LEU A 45 1.29 -13.72 22.61
C LEU A 45 1.75 -14.06 21.20
N HIS A 46 2.96 -13.65 20.85
CA HIS A 46 3.47 -13.90 19.51
C HIS A 46 4.90 -14.42 19.58
N PRO A 47 5.05 -15.75 19.55
CA PRO A 47 6.37 -16.40 19.60
C PRO A 47 7.15 -16.25 18.30
N TRP A 48 8.47 -16.20 18.44
CA TRP A 48 9.38 -16.12 17.31
C TRP A 48 10.38 -17.27 17.47
N PRO A 49 9.98 -18.48 17.07
CA PRO A 49 10.84 -19.67 17.16
C PRO A 49 12.17 -19.44 16.46
N GLU A 50 12.14 -18.62 15.42
CA GLU A 50 13.33 -18.30 14.65
C GLU A 50 14.36 -17.60 15.54
N LEU A 51 13.89 -16.96 16.61
CA LEU A 51 14.77 -16.25 17.51
C LEU A 51 15.04 -17.05 18.79
N GLY A 52 14.54 -18.27 18.85
CA GLY A 52 14.77 -19.11 20.02
C GLY A 52 13.58 -19.35 20.94
N ASP A 53 12.42 -18.78 20.63
CA ASP A 53 11.25 -19.00 21.47
C ASP A 53 10.64 -20.38 21.22
N LEU A 54 9.88 -20.88 22.18
CA LEU A 54 9.18 -22.14 22.00
C LEU A 54 8.04 -21.75 21.09
N SER A 55 7.57 -22.68 20.25
CA SER A 55 6.48 -22.39 19.34
C SER A 55 5.19 -22.03 20.09
N LEU A 56 4.24 -21.48 19.36
CA LEU A 56 2.95 -21.10 19.95
C LEU A 56 2.30 -22.36 20.50
N GLU A 57 2.30 -23.43 19.71
CA GLU A 57 1.70 -24.68 20.13
C GLU A 57 2.32 -25.20 21.42
N GLU A 58 3.65 -25.12 21.50
CA GLU A 58 4.36 -25.60 22.67
C GLU A 58 4.17 -24.74 23.92
N GLN A 59 4.15 -23.42 23.74
CA GLN A 59 3.96 -22.56 24.90
C GLN A 59 2.59 -22.78 25.51
N LEU A 60 1.56 -22.86 24.68
CA LEU A 60 0.20 -23.09 25.18
C LEU A 60 0.08 -24.48 25.76
N SER A 61 0.72 -25.45 25.12
CA SER A 61 0.69 -26.83 25.59
C SER A 61 1.31 -26.87 26.98
N ASP A 62 2.44 -26.19 27.14
CA ASP A 62 3.14 -26.14 28.41
C ASP A 62 2.30 -25.46 29.49
N LEU A 63 1.60 -24.39 29.08
CA LEU A 63 0.74 -23.64 29.98
C LEU A 63 -0.29 -24.56 30.62
N ARG A 64 -0.89 -25.43 29.81
CA ARG A 64 -1.88 -26.36 30.32
C ARG A 64 -1.22 -27.27 31.36
N MET A 65 0.05 -27.60 31.13
CA MET A 65 0.81 -28.47 32.04
C MET A 65 1.13 -27.74 33.34
N GLY A 66 1.01 -26.43 33.33
CA GLY A 66 1.30 -25.67 34.54
C GLY A 66 2.52 -24.76 34.46
N ARG A 67 3.30 -24.88 33.38
CA ARG A 67 4.47 -24.02 33.25
C ARG A 67 4.16 -22.82 32.37
N MET A 68 4.63 -21.67 32.81
CA MET A 68 4.41 -20.40 32.13
C MET A 68 5.73 -19.83 31.63
N THR A 69 5.84 -19.61 30.32
CA THR A 69 7.07 -19.04 29.76
C THR A 69 7.13 -17.59 30.23
N THR A 70 8.32 -17.01 30.23
CA THR A 70 8.47 -15.63 30.64
C THR A 70 7.67 -14.74 29.67
N GLN A 71 7.55 -15.18 28.43
CA GLN A 71 6.80 -14.43 27.44
C GLN A 71 5.31 -14.39 27.82
N ILE A 72 4.77 -15.51 28.27
CA ILE A 72 3.38 -15.54 28.69
C ILE A 72 3.21 -14.71 29.96
N GLU A 73 4.20 -14.77 30.85
CA GLU A 73 4.16 -13.98 32.08
C GLU A 73 4.06 -12.50 31.70
N GLN A 74 4.79 -12.10 30.66
CA GLN A 74 4.74 -10.70 30.21
C GLN A 74 3.37 -10.40 29.62
N SER A 75 2.81 -11.36 28.89
CA SER A 75 1.48 -11.15 28.31
C SER A 75 0.48 -10.90 29.43
N ILE A 76 0.63 -11.63 30.53
CA ILE A 76 -0.27 -11.46 31.68
C ILE A 76 -0.06 -10.10 32.34
N TRP A 77 1.21 -9.72 32.52
CA TRP A 77 1.57 -8.44 33.14
C TRP A 77 0.98 -7.30 32.31
N LEU A 78 1.08 -7.43 30.98
CA LEU A 78 0.54 -6.41 30.08
C LEU A 78 -0.98 -6.40 30.16
N ALA A 79 -1.59 -7.59 30.16
CA ALA A 79 -3.04 -7.69 30.25
C ALA A 79 -3.54 -7.03 31.54
N ARG A 80 -2.74 -7.09 32.60
CA ARG A 80 -3.14 -6.47 33.88
C ARG A 80 -3.18 -4.95 33.73
N ARG A 81 -2.15 -4.39 33.10
CA ARG A 81 -2.08 -2.95 32.89
C ARG A 81 -3.32 -2.53 32.10
N ASP A 82 -3.62 -3.28 31.05
CA ASP A 82 -4.78 -3.03 30.20
C ASP A 82 -6.06 -3.07 31.04
N ALA A 83 -6.13 -4.05 31.94
CA ALA A 83 -7.30 -4.23 32.79
C ALA A 83 -7.57 -3.02 33.69
N LEU A 84 -6.55 -2.57 34.39
CA LEU A 84 -6.70 -1.42 35.28
C LEU A 84 -7.14 -0.18 34.50
N LEU A 85 -6.55 0.03 33.33
CA LEU A 85 -6.90 1.19 32.50
C LEU A 85 -8.35 1.15 32.01
N ARG A 86 -8.81 -0.01 31.55
CA ARG A 86 -10.18 -0.13 31.08
C ARG A 86 -11.10 0.20 32.25
N LYS A 87 -10.69 -0.20 33.45
CA LYS A 87 -11.49 0.06 34.65
C LYS A 87 -11.67 1.56 34.87
N GLU A 88 -10.57 2.31 34.85
CA GLU A 88 -10.63 3.76 35.04
C GLU A 88 -10.94 4.51 33.76
N LYS A 89 -11.28 3.77 32.70
CA LYS A 89 -11.62 4.34 31.41
C LYS A 89 -10.55 5.27 30.83
N LYS A 90 -9.30 4.81 30.88
CA LYS A 90 -8.18 5.59 30.36
C LYS A 90 -7.48 4.75 29.30
N HIS A 91 -6.66 5.41 28.48
CA HIS A 91 -5.91 4.74 27.43
C HIS A 91 -4.48 4.61 27.92
N VAL A 92 -3.76 3.59 27.46
CA VAL A 92 -2.39 3.39 27.91
C VAL A 92 -1.48 4.57 27.59
N PHE A 93 -1.87 5.39 26.62
CA PHE A 93 -1.06 6.56 26.24
C PHE A 93 -1.20 7.70 27.24
N ASP A 94 -2.32 7.76 27.94
CA ASP A 94 -2.56 8.82 28.90
C ASP A 94 -1.51 8.88 30.00
N GLY A 95 -1.03 10.09 30.28
CA GLY A 95 -0.01 10.25 31.30
C GLY A 95 1.40 10.03 30.79
N GLY A 96 1.51 9.36 29.64
CA GLY A 96 2.82 9.10 29.09
C GLY A 96 3.34 10.24 28.23
N GLU A 97 4.61 10.19 27.87
CA GLU A 97 5.17 11.24 27.02
C GLU A 97 5.35 10.64 25.63
N LYS A 98 4.95 11.39 24.61
CA LYS A 98 5.07 10.89 23.24
C LYS A 98 6.52 10.59 22.92
N ILE A 99 6.75 9.56 22.12
CA ILE A 99 8.10 9.18 21.77
C ILE A 99 8.21 8.80 20.30
N LYS A 100 9.33 9.16 19.69
CA LYS A 100 9.54 8.85 18.28
C LYS A 100 10.14 7.45 18.14
N ASN A 101 9.79 6.79 17.05
CA ASN A 101 10.29 5.44 16.75
C ASN A 101 11.26 5.55 15.59
N ASN A 102 12.19 4.61 15.50
CA ASN A 102 13.12 4.61 14.39
C ASN A 102 12.45 3.99 13.19
N TYR A 103 13.05 4.19 12.03
CA TYR A 103 12.53 3.60 10.80
C TYR A 103 13.37 2.37 10.56
N LEU A 104 12.73 1.22 10.40
CA LEU A 104 13.47 -0.01 10.14
C LEU A 104 13.71 -0.12 8.64
N LEU A 105 14.96 -0.15 8.22
CA LEU A 105 15.30 -0.23 6.80
C LEU A 105 15.73 -1.64 6.40
N SER A 106 14.99 -2.23 5.47
CA SER A 106 15.30 -3.56 4.99
C SER A 106 16.10 -3.47 3.68
N HIS A 107 17.26 -4.12 3.65
CA HIS A 107 18.11 -4.09 2.47
C HIS A 107 17.49 -4.76 1.24
N PHE A 108 16.23 -5.16 1.37
CA PHE A 108 15.52 -5.79 0.27
C PHE A 108 14.65 -4.74 -0.41
N GLN A 109 15.09 -3.48 -0.29
CA GLN A 109 14.40 -2.35 -0.88
C GLN A 109 15.42 -1.36 -1.42
N ASP A 110 15.38 -1.13 -2.73
CA ASP A 110 16.31 -0.18 -3.36
C ASP A 110 16.08 1.22 -2.82
N LEU A 111 17.01 1.69 -2.01
CA LEU A 111 16.92 3.02 -1.42
C LEU A 111 16.81 4.09 -2.50
N LYS A 112 15.58 4.47 -2.82
CA LYS A 112 15.33 5.50 -3.83
C LYS A 112 15.97 6.80 -3.37
N PRO A 113 16.63 7.52 -4.29
CA PRO A 113 17.25 8.79 -3.88
C PRO A 113 16.18 9.74 -3.38
N GLY A 114 16.49 10.47 -2.32
CA GLY A 114 15.51 11.40 -1.78
C GLY A 114 14.59 10.79 -0.73
N PHE A 115 14.63 9.47 -0.57
CA PHE A 115 13.77 8.82 0.41
C PHE A 115 14.15 9.25 1.83
N LEU A 116 15.44 9.22 2.14
CA LEU A 116 15.90 9.61 3.46
C LEU A 116 15.38 11.01 3.78
N ASP A 117 15.33 11.86 2.76
CA ASP A 117 14.81 13.21 2.95
C ASP A 117 13.31 13.11 3.22
N GLY A 118 12.69 12.09 2.67
CA GLY A 118 11.27 11.89 2.87
C GLY A 118 10.98 11.54 4.33
N LEU A 119 11.85 10.73 4.92
CA LEU A 119 11.69 10.33 6.31
C LEU A 119 12.00 11.48 7.25
N LYS A 120 13.12 12.15 7.01
CA LYS A 120 13.53 13.26 7.85
C LYS A 120 12.53 14.40 7.93
N ASN A 121 11.91 14.75 6.81
CA ASN A 121 10.94 15.84 6.80
C ASN A 121 9.68 15.52 7.60
N GLU A 122 9.34 14.24 7.68
CA GLU A 122 8.15 13.81 8.41
C GLU A 122 8.40 13.65 9.91
N GLY A 123 9.65 13.79 10.33
CA GLY A 123 9.96 13.68 11.74
C GLY A 123 10.98 12.65 12.17
N TYR A 124 11.23 11.64 11.34
CA TYR A 124 12.20 10.61 11.69
C TYR A 124 13.60 11.15 11.96
N ASN A 125 14.28 10.55 12.93
CA ASN A 125 15.65 10.95 13.27
C ASN A 125 16.59 9.76 13.13
N THR A 126 16.05 8.56 13.29
CA THR A 126 16.89 7.37 13.27
C THR A 126 16.45 6.24 12.36
N VAL A 127 17.42 5.52 11.83
CA VAL A 127 17.17 4.38 10.95
C VAL A 127 17.90 3.16 11.51
N LYS A 128 17.19 2.06 11.67
CA LYS A 128 17.78 0.83 12.19
C LYS A 128 18.11 -0.06 10.99
N VAL A 129 19.32 -0.60 10.97
CA VAL A 129 19.75 -1.43 9.86
C VAL A 129 20.29 -2.79 10.29
N LYS A 130 19.80 -3.85 9.65
CA LYS A 130 20.27 -5.19 9.96
C LYS A 130 21.63 -5.36 9.30
N MET A 131 22.61 -5.79 10.09
CA MET A 131 23.97 -5.99 9.59
C MET A 131 24.34 -7.48 9.67
N GLY A 132 25.21 -7.93 8.77
CA GLY A 132 25.60 -9.33 8.79
C GLY A 132 25.83 -9.96 7.43
N ARG A 133 24.85 -9.81 6.54
CA ARG A 133 24.97 -10.39 5.20
C ARG A 133 26.19 -9.88 4.46
N ASP A 134 26.13 -8.64 3.98
CA ASP A 134 27.25 -8.06 3.25
C ASP A 134 27.68 -6.74 3.87
N LEU A 135 28.84 -6.76 4.54
CA LEU A 135 29.37 -5.57 5.20
C LEU A 135 29.68 -4.43 4.24
N GLN A 136 30.22 -4.77 3.07
CA GLN A 136 30.56 -3.77 2.07
C GLN A 136 29.29 -3.02 1.68
N LYS A 137 28.27 -3.76 1.27
CA LYS A 137 27.00 -3.18 0.86
C LYS A 137 26.39 -2.37 2.00
N GLU A 138 26.31 -2.98 3.19
CA GLU A 138 25.76 -2.30 4.36
C GLU A 138 26.52 -1.02 4.68
N ALA A 139 27.84 -1.07 4.57
CA ALA A 139 28.66 0.11 4.85
C ALA A 139 28.27 1.25 3.91
N ASP A 140 27.99 0.92 2.65
CA ASP A 140 27.61 1.94 1.68
C ASP A 140 26.26 2.56 2.05
N MET A 141 25.38 1.74 2.62
CA MET A 141 24.06 2.20 3.03
C MET A 141 24.19 3.18 4.20
N LEU A 142 25.05 2.84 5.15
CA LEU A 142 25.26 3.68 6.32
C LEU A 142 25.80 5.04 5.89
N THR A 143 26.64 5.05 4.86
CA THR A 143 27.22 6.28 4.34
C THR A 143 26.10 7.17 3.81
N HIS A 144 25.13 6.56 3.15
CA HIS A 144 24.00 7.32 2.61
C HIS A 144 23.18 7.90 3.74
N ILE A 145 22.93 7.09 4.77
CA ILE A 145 22.16 7.55 5.92
C ILE A 145 22.89 8.72 6.58
N ALA A 146 24.20 8.55 6.81
CA ALA A 146 24.99 9.61 7.43
C ALA A 146 24.97 10.88 6.60
N ALA A 147 24.95 10.73 5.28
CA ALA A 147 24.94 11.86 4.36
C ALA A 147 23.68 12.71 4.56
N SER A 148 22.59 12.08 4.98
CA SER A 148 21.34 12.79 5.21
C SER A 148 21.30 13.39 6.61
N GLY A 149 22.30 13.05 7.43
CA GLY A 149 22.36 13.59 8.79
C GLY A 149 21.56 12.82 9.83
N MET A 150 21.00 11.68 9.44
CA MET A 150 20.20 10.88 10.36
C MET A 150 21.06 9.96 11.22
N ARG A 151 20.55 9.63 12.40
CA ARG A 151 21.27 8.74 13.31
C ARG A 151 20.96 7.31 12.89
N MET A 152 21.77 6.37 13.32
CA MET A 152 21.51 4.99 12.95
C MET A 152 21.80 3.97 14.04
N ARG A 153 21.13 2.85 13.93
CA ARG A 153 21.30 1.75 14.88
C ARG A 153 21.64 0.52 14.09
N LEU A 154 22.76 -0.10 14.42
CA LEU A 154 23.21 -1.28 13.73
C LEU A 154 22.88 -2.50 14.55
N ASP A 155 22.27 -3.49 13.91
CA ASP A 155 21.90 -4.70 14.61
C ASP A 155 22.55 -5.90 13.92
N PHE A 156 23.52 -6.50 14.59
CA PHE A 156 24.24 -7.65 14.05
C PHE A 156 23.61 -8.99 14.46
N ASN A 157 22.65 -8.92 15.37
CA ASN A 157 21.97 -10.12 15.86
C ASN A 157 22.95 -11.19 16.35
N ALA A 158 24.10 -10.72 16.85
CA ALA A 158 25.14 -11.58 17.39
C ALA A 158 25.79 -12.53 16.40
N LEU A 159 25.78 -12.18 15.11
CA LEU A 159 26.37 -13.05 14.11
C LEU A 159 27.84 -12.73 13.80
N GLY A 160 28.24 -11.49 14.02
CA GLY A 160 29.62 -11.11 13.75
C GLY A 160 30.64 -11.68 14.73
N SER A 161 31.86 -11.16 14.66
CA SER A 161 32.94 -11.59 15.55
C SER A 161 33.73 -10.36 15.94
N TRP A 162 34.42 -10.42 17.08
CA TRP A 162 35.21 -9.31 17.56
C TRP A 162 36.13 -8.72 16.48
N GLN A 163 36.86 -9.58 15.77
CA GLN A 163 37.78 -9.14 14.73
C GLN A 163 37.10 -8.41 13.57
N THR A 164 36.13 -9.07 12.95
CA THR A 164 35.42 -8.48 11.82
C THR A 164 34.74 -7.18 12.21
N PHE A 165 34.20 -7.14 13.43
CA PHE A 165 33.52 -5.94 13.92
C PHE A 165 34.48 -4.76 14.03
N GLU A 166 35.68 -5.01 14.56
CA GLU A 166 36.67 -3.95 14.72
C GLU A 166 37.08 -3.36 13.38
N LYS A 167 37.48 -4.22 12.45
CA LYS A 167 37.90 -3.77 11.13
C LYS A 167 36.80 -2.97 10.46
N PHE A 168 35.57 -3.47 10.58
CA PHE A 168 34.42 -2.80 9.99
C PHE A 168 34.23 -1.39 10.52
N MET A 169 34.22 -1.25 11.85
CA MET A 169 34.01 0.06 12.48
C MET A 169 35.11 1.08 12.18
N VAL A 170 36.37 0.69 12.39
CA VAL A 170 37.49 1.59 12.16
C VAL A 170 37.55 2.17 10.74
N ASN A 171 37.06 1.41 9.76
CA ASN A 171 37.09 1.85 8.38
C ASN A 171 35.84 2.56 7.86
N LEU A 172 34.88 2.83 8.74
CA LEU A 172 33.68 3.53 8.33
C LEU A 172 34.01 5.00 8.11
N PRO A 173 33.32 5.65 7.18
CA PRO A 173 33.55 7.07 6.89
C PRO A 173 33.43 7.92 8.16
N LEU A 174 34.24 8.97 8.26
CA LEU A 174 34.21 9.84 9.43
C LEU A 174 32.84 10.45 9.70
N THR A 175 32.01 10.54 8.66
CA THR A 175 30.67 11.10 8.82
C THR A 175 29.72 10.10 9.48
N VAL A 176 30.01 8.81 9.31
CA VAL A 176 29.18 7.75 9.88
C VAL A 176 29.38 7.56 11.37
N ARG A 177 30.63 7.37 11.76
CA ARG A 177 30.98 7.14 13.17
C ARG A 177 30.16 7.92 14.20
N PRO A 178 30.10 9.25 14.08
CA PRO A 178 29.36 10.10 15.03
C PRO A 178 27.84 9.90 15.06
N LEU A 179 27.29 9.43 13.96
CA LEU A 179 25.85 9.24 13.86
C LEU A 179 25.33 7.85 14.24
N ILE A 180 26.22 6.93 14.60
CA ILE A 180 25.79 5.60 15.01
C ILE A 180 25.40 5.75 16.49
N GLU A 181 24.11 5.64 16.78
CA GLU A 181 23.67 5.78 18.16
C GLU A 181 24.17 4.60 18.98
N TYR A 182 24.08 3.41 18.40
CA TYR A 182 24.56 2.20 19.05
C TYR A 182 24.52 0.97 18.16
N VAL A 183 25.29 -0.04 18.56
CA VAL A 183 25.34 -1.31 17.85
C VAL A 183 24.79 -2.41 18.75
N GLU A 184 23.72 -3.04 18.29
CA GLU A 184 23.07 -4.12 19.02
C GLU A 184 23.76 -5.46 18.77
N ASP A 185 23.95 -6.24 19.84
CA ASP A 185 24.55 -7.57 19.78
C ASP A 185 25.57 -7.73 18.66
N PRO A 186 26.75 -7.09 18.78
CA PRO A 186 27.79 -7.17 17.75
C PRO A 186 28.28 -8.60 17.45
N PHE A 187 28.23 -9.44 18.47
CA PHE A 187 28.64 -10.84 18.38
C PHE A 187 28.24 -11.54 19.67
N PRO A 188 28.37 -12.88 19.74
CA PRO A 188 27.99 -13.57 20.98
C PRO A 188 28.57 -12.91 22.23
N PHE A 189 27.78 -12.88 23.30
CA PHE A 189 28.25 -12.26 24.52
C PHE A 189 29.53 -12.86 25.10
N ASP A 190 30.43 -11.96 25.48
CA ASP A 190 31.69 -12.31 26.10
C ASP A 190 32.03 -11.02 26.83
N PHE A 191 32.21 -11.10 28.14
CA PHE A 191 32.49 -9.90 28.93
C PHE A 191 33.61 -9.02 28.39
N HIS A 192 34.77 -9.61 28.15
CA HIS A 192 35.91 -8.86 27.65
C HIS A 192 35.71 -8.31 26.25
N ALA A 193 35.26 -9.16 25.33
CA ALA A 193 35.04 -8.75 23.95
C ALA A 193 34.05 -7.60 23.85
N TRP A 194 32.95 -7.67 24.61
CA TRP A 194 31.96 -6.60 24.58
C TRP A 194 32.53 -5.35 25.22
N GLY A 195 33.24 -5.53 26.33
CA GLY A 195 33.84 -4.39 27.01
C GLY A 195 34.76 -3.63 26.08
N GLU A 196 35.55 -4.35 25.30
CA GLU A 196 36.47 -3.70 24.37
C GLU A 196 35.76 -3.10 23.16
N ALA A 197 34.66 -3.72 22.76
CA ALA A 197 33.89 -3.23 21.62
C ALA A 197 33.33 -1.83 21.91
N ARG A 198 33.11 -1.53 23.19
CA ARG A 198 32.56 -0.23 23.59
C ARG A 198 33.45 0.94 23.15
N LYS A 199 34.74 0.67 22.96
CA LYS A 199 35.68 1.70 22.54
C LYS A 199 35.40 2.18 21.12
N LEU A 200 34.68 1.38 20.35
CA LEU A 200 34.37 1.72 18.96
C LEU A 200 33.00 2.33 18.75
N ALA A 201 32.06 2.00 19.63
CA ALA A 201 30.71 2.52 19.54
C ALA A 201 29.93 2.08 20.76
N LYS A 202 28.85 2.80 21.06
CA LYS A 202 27.99 2.44 22.18
C LYS A 202 27.49 1.05 21.81
N ILE A 203 27.40 0.15 22.78
CA ILE A 203 26.94 -1.20 22.50
C ILE A 203 25.60 -1.45 23.20
N ALA A 204 24.67 -2.10 22.48
CA ALA A 204 23.36 -2.40 23.01
C ALA A 204 23.14 -3.90 23.19
N LEU A 205 22.50 -4.26 24.30
CA LEU A 205 22.21 -5.64 24.66
C LEU A 205 20.77 -5.98 24.31
N ASP A 206 20.56 -6.86 23.32
CA ASP A 206 19.20 -7.25 22.97
C ASP A 206 18.99 -8.76 23.11
N ASN A 207 19.32 -9.53 22.07
CA ASN A 207 19.11 -10.99 22.12
C ASN A 207 20.12 -11.75 22.96
N GLN A 208 21.11 -11.06 23.50
CA GLN A 208 22.14 -11.68 24.34
C GLN A 208 21.83 -11.40 25.81
N TYR A 209 20.71 -10.72 26.05
CA TYR A 209 20.30 -10.36 27.40
C TYR A 209 20.38 -11.53 28.39
N ASP A 210 19.86 -12.69 28.00
CA ASP A 210 19.87 -13.85 28.89
C ASP A 210 21.25 -14.45 29.15
N LYS A 211 22.28 -13.99 28.42
CA LYS A 211 23.62 -14.53 28.62
C LYS A 211 24.39 -13.77 29.70
N VAL A 212 23.87 -12.62 30.12
CA VAL A 212 24.54 -11.81 31.13
C VAL A 212 24.23 -12.28 32.56
N PRO A 213 25.29 -12.56 33.35
CA PRO A 213 25.15 -13.01 34.73
C PRO A 213 25.02 -11.79 35.64
N TRP A 214 23.82 -11.21 35.66
CA TRP A 214 23.54 -10.00 36.43
C TRP A 214 23.98 -9.93 37.89
N GLY A 215 23.94 -11.06 38.59
CA GLY A 215 24.35 -11.03 39.98
C GLY A 215 25.84 -11.23 40.20
N LYS A 216 26.60 -11.32 39.11
CA LYS A 216 28.03 -11.56 39.22
C LYS A 216 28.93 -10.51 38.56
N ILE A 217 28.42 -9.80 37.57
CA ILE A 217 29.24 -8.81 36.88
C ILE A 217 29.72 -7.71 37.81
N ALA A 218 30.96 -7.25 37.57
CA ALA A 218 31.55 -6.19 38.39
C ALA A 218 31.22 -4.85 37.75
N SER A 219 30.79 -4.88 36.49
CA SER A 219 30.41 -3.68 35.76
C SER A 219 29.63 -4.14 34.53
N ALA A 220 29.00 -3.19 33.84
CA ALA A 220 28.22 -3.51 32.65
C ALA A 220 29.03 -3.30 31.38
N PRO A 221 29.32 -4.38 30.63
CA PRO A 221 30.09 -4.30 29.39
C PRO A 221 29.23 -3.90 28.18
N PHE A 222 28.34 -2.93 28.40
CA PHE A 222 27.47 -2.41 27.36
C PHE A 222 26.93 -1.07 27.81
N ASP A 223 26.29 -0.34 26.90
CA ASP A 223 25.78 0.99 27.19
C ASP A 223 24.26 1.13 27.18
N VAL A 224 23.61 0.23 26.46
CA VAL A 224 22.16 0.27 26.30
C VAL A 224 21.51 -1.08 26.48
N ILE A 225 20.34 -1.11 27.12
CA ILE A 225 19.61 -2.34 27.28
C ILE A 225 18.36 -2.18 26.47
N VAL A 226 18.16 -3.09 25.51
CA VAL A 226 16.97 -3.05 24.67
C VAL A 226 15.89 -3.81 25.42
N ILE A 227 14.75 -3.17 25.66
CA ILE A 227 13.65 -3.82 26.35
C ILE A 227 12.50 -4.12 25.40
N LYS A 228 12.10 -5.38 25.34
CA LYS A 228 10.96 -5.76 24.50
C LYS A 228 9.91 -6.21 25.50
N PRO A 229 8.92 -5.34 25.81
CA PRO A 229 7.87 -5.65 26.76
C PRO A 229 7.19 -7.01 26.58
N ALA A 230 7.24 -7.54 25.37
CA ALA A 230 6.63 -8.85 25.10
C ALA A 230 7.43 -9.99 25.70
N LYS A 231 8.72 -9.78 25.94
CA LYS A 231 9.58 -10.85 26.45
C LYS A 231 10.39 -10.52 27.68
N THR A 232 10.70 -9.23 27.86
CA THR A 232 11.54 -8.77 28.95
C THR A 232 10.82 -8.32 30.21
N ASP A 233 11.36 -8.69 31.36
CA ASP A 233 10.80 -8.25 32.65
C ASP A 233 11.18 -6.77 32.68
N VAL A 234 10.20 -5.89 32.49
CA VAL A 234 10.46 -4.45 32.47
C VAL A 234 11.08 -3.88 33.74
N ASP A 235 10.50 -4.19 34.89
CA ASP A 235 11.04 -3.66 36.15
C ASP A 235 12.49 -4.04 36.35
N LYS A 236 12.82 -5.30 36.11
CA LYS A 236 14.19 -5.74 36.30
C LYS A 236 15.17 -5.08 35.35
N ALA A 237 14.74 -4.84 34.11
CA ALA A 237 15.62 -4.22 33.13
C ALA A 237 15.86 -2.76 33.50
N VAL A 238 14.81 -2.08 33.96
CA VAL A 238 14.93 -0.69 34.37
C VAL A 238 15.87 -0.62 35.58
N ALA A 239 15.72 -1.57 36.49
CA ALA A 239 16.56 -1.61 37.69
C ALA A 239 18.03 -1.72 37.30
N GLN A 240 18.34 -2.66 36.41
CA GLN A 240 19.70 -2.87 35.94
C GLN A 240 20.22 -1.61 35.27
N CYS A 241 19.37 -0.95 34.48
CA CYS A 241 19.78 0.28 33.80
C CYS A 241 20.17 1.38 34.79
N GLN A 242 19.41 1.50 35.86
CA GLN A 242 19.70 2.51 36.87
C GLN A 242 20.91 2.13 37.72
N LYS A 243 21.04 0.84 38.02
CA LYS A 243 22.17 0.37 38.82
C LYS A 243 23.48 0.68 38.11
N TRP A 244 23.49 0.46 36.80
CA TRP A 244 24.68 0.67 36.01
C TRP A 244 24.73 1.97 35.21
N ASN A 245 23.77 2.84 35.44
CA ASN A 245 23.71 4.14 34.75
C ASN A 245 23.76 3.98 33.24
N LEU A 246 22.85 3.18 32.70
CA LEU A 246 22.80 2.94 31.26
C LEU A 246 21.58 3.64 30.66
N LYS A 247 21.37 3.43 29.38
CA LYS A 247 20.22 3.99 28.68
C LYS A 247 19.41 2.78 28.24
N LEU A 248 18.14 3.00 27.91
CA LEU A 248 17.32 1.91 27.45
C LEU A 248 16.49 2.31 26.23
N ALA A 249 16.19 1.33 25.39
CA ALA A 249 15.40 1.54 24.20
C ALA A 249 14.31 0.48 24.22
N VAL A 250 13.07 0.90 24.00
CA VAL A 250 11.93 -0.03 24.01
C VAL A 250 11.52 -0.38 22.59
N THR A 251 11.36 -1.67 22.31
CA THR A 251 10.96 -2.09 20.97
C THR A 251 9.77 -3.04 21.01
N SER A 252 9.11 -3.21 19.87
CA SER A 252 7.99 -4.13 19.77
C SER A 252 8.66 -5.48 19.51
N TYR A 253 7.88 -6.49 19.12
CA TYR A 253 8.45 -7.80 18.87
C TYR A 253 7.94 -8.34 17.53
N MET A 254 7.86 -7.45 16.54
CA MET A 254 7.36 -7.81 15.20
C MET A 254 6.12 -8.66 15.43
N ASP A 255 5.27 -8.14 16.31
CA ASP A 255 4.05 -8.81 16.73
C ASP A 255 2.74 -8.17 16.30
N HIS A 256 1.66 -8.60 16.94
CA HIS A 256 0.32 -8.12 16.64
C HIS A 256 0.10 -6.67 17.08
N PRO A 257 -0.81 -5.95 16.40
CA PRO A 257 -1.09 -4.57 16.76
C PRO A 257 -1.31 -4.39 18.27
N VAL A 258 -1.98 -5.35 18.91
CA VAL A 258 -2.20 -5.28 20.36
C VAL A 258 -0.85 -5.26 21.07
N GLY A 259 0.10 -6.09 20.61
CA GLY A 259 1.41 -6.12 21.23
C GLY A 259 2.14 -4.81 21.02
N VAL A 260 1.96 -4.23 19.83
CA VAL A 260 2.57 -2.96 19.46
C VAL A 260 2.08 -1.81 20.34
N VAL A 261 0.77 -1.68 20.51
CA VAL A 261 0.25 -0.58 21.32
C VAL A 261 0.73 -0.75 22.77
N HIS A 262 0.77 -1.99 23.23
CA HIS A 262 1.25 -2.25 24.58
C HIS A 262 2.70 -1.76 24.74
N ALA A 263 3.53 -2.07 23.73
CA ALA A 263 4.94 -1.69 23.77
C ALA A 263 5.12 -0.17 23.79
N VAL A 264 4.39 0.52 22.92
CA VAL A 264 4.47 1.97 22.88
C VAL A 264 4.00 2.54 24.21
N GLY A 265 2.94 1.95 24.76
CA GLY A 265 2.44 2.41 26.05
C GLY A 265 3.51 2.33 27.12
N VAL A 266 4.25 1.22 27.13
CA VAL A 266 5.33 1.07 28.10
C VAL A 266 6.41 2.10 27.86
N ALA A 267 6.80 2.28 26.60
CA ALA A 267 7.84 3.24 26.25
C ALA A 267 7.47 4.68 26.68
N MET A 268 6.22 5.06 26.47
CA MET A 268 5.77 6.40 26.83
C MET A 268 5.78 6.60 28.34
N GLU A 269 5.48 5.54 29.09
CA GLU A 269 5.47 5.63 30.54
C GLU A 269 6.91 5.81 31.03
N LEU A 270 7.83 5.01 30.48
CA LEU A 270 9.23 5.10 30.87
C LEU A 270 9.81 6.47 30.52
N LYS A 271 9.46 6.99 29.35
CA LYS A 271 9.96 8.30 28.95
C LYS A 271 9.47 9.36 29.92
N ASP A 272 8.21 9.28 30.31
CA ASP A 272 7.64 10.26 31.25
C ASP A 272 8.39 10.19 32.59
N LYS A 273 8.62 8.97 33.05
CA LYS A 273 9.29 8.76 34.34
C LYS A 273 10.79 8.96 34.38
N TYR A 274 11.50 8.50 33.35
CA TYR A 274 12.95 8.57 33.34
C TYR A 274 13.61 9.50 32.33
N GLY A 275 12.80 10.22 31.56
CA GLY A 275 13.33 11.17 30.59
C GLY A 275 14.50 10.75 29.71
N ASP A 276 15.61 11.46 29.85
CA ASP A 276 16.82 11.21 29.05
C ASP A 276 17.44 9.82 29.16
N MET A 277 16.94 9.00 30.07
CA MET A 277 17.48 7.64 30.18
C MET A 277 16.86 6.80 29.06
N ILE A 278 15.75 7.27 28.51
CA ILE A 278 15.04 6.55 27.45
C ILE A 278 15.37 7.11 26.06
N LEU A 279 15.83 6.23 25.17
CA LEU A 279 16.17 6.65 23.81
C LEU A 279 14.93 6.46 22.94
N GLU A 280 15.02 6.83 21.66
CA GLU A 280 13.87 6.65 20.77
C GLU A 280 13.57 5.15 20.72
N SER A 281 12.30 4.81 20.53
CA SER A 281 11.91 3.41 20.52
C SER A 281 11.91 2.79 19.13
N GLY A 282 11.45 1.55 19.05
CA GLY A 282 11.37 0.85 17.78
C GLY A 282 10.15 -0.03 17.85
N CYS A 283 8.99 0.61 17.97
CA CYS A 283 7.71 -0.09 18.08
C CYS A 283 6.83 0.02 16.85
N LEU A 284 7.16 0.93 15.96
CA LEU A 284 6.37 1.13 14.75
C LEU A 284 6.62 -0.01 13.77
N THR A 285 6.05 -1.18 14.05
CA THR A 285 6.25 -2.35 13.20
C THR A 285 4.97 -2.98 12.66
N HIS A 286 3.81 -2.38 12.94
CA HIS A 286 2.57 -2.96 12.47
C HIS A 286 2.47 -2.94 10.95
N ARG A 287 3.25 -2.08 10.30
CA ARG A 287 3.24 -1.97 8.86
C ARG A 287 4.02 -3.11 8.20
N LEU A 288 4.63 -3.97 9.03
CA LEU A 288 5.39 -5.10 8.52
C LEU A 288 4.45 -6.22 8.06
N TYR A 289 3.18 -6.12 8.46
CA TYR A 289 2.19 -7.12 8.10
C TYR A 289 1.04 -6.52 7.32
N GLN A 290 0.35 -7.36 6.55
CA GLN A 290 -0.79 -6.88 5.78
C GLN A 290 -1.92 -6.57 6.76
N MET A 291 -2.67 -5.53 6.45
CA MET A 291 -3.76 -5.08 7.30
C MET A 291 -4.73 -6.14 7.82
N ASP A 292 -5.00 -6.07 9.12
CA ASP A 292 -5.96 -6.95 9.76
C ASP A 292 -6.94 -5.97 10.39
N SER A 293 -7.98 -6.48 11.05
CA SER A 293 -8.98 -5.61 11.67
C SER A 293 -8.41 -4.60 12.66
N PHE A 294 -7.44 -5.04 13.45
CA PHE A 294 -6.82 -4.17 14.45
C PHE A 294 -5.94 -3.08 13.85
N ALA A 295 -5.03 -3.46 12.94
CA ALA A 295 -4.14 -2.49 12.33
C ALA A 295 -4.91 -1.36 11.65
N ALA A 296 -6.12 -1.69 11.20
CA ALA A 296 -6.97 -0.71 10.52
C ALA A 296 -7.36 0.45 11.43
N GLU A 297 -7.28 0.24 12.73
CA GLU A 297 -7.64 1.28 13.68
C GLU A 297 -6.45 2.13 14.11
N LEU A 298 -5.26 1.75 13.67
CA LEU A 298 -4.06 2.49 14.03
C LEU A 298 -3.68 3.53 13.00
N SER A 299 -3.21 4.67 13.47
CA SER A 299 -2.80 5.77 12.61
C SER A 299 -1.43 6.26 13.08
N THR A 300 -0.64 6.78 12.14
CA THR A 300 0.69 7.26 12.48
C THR A 300 0.94 8.65 11.93
N GLN A 301 1.92 9.33 12.52
CA GLN A 301 2.32 10.66 12.09
C GLN A 301 3.84 10.53 12.05
N GLY A 302 4.35 10.03 10.92
CA GLY A 302 5.78 9.85 10.81
C GLY A 302 6.28 8.85 11.85
N PRO A 303 7.28 9.22 12.66
CA PRO A 303 7.84 8.33 13.69
C PRO A 303 6.93 8.14 14.90
N TYR A 304 5.75 8.75 14.90
CA TYR A 304 4.83 8.64 16.03
C TYR A 304 3.63 7.73 15.77
N LEU A 305 3.30 6.90 16.77
CA LEU A 305 2.12 6.06 16.66
C LEU A 305 1.08 6.91 17.37
N LEU A 306 -0.04 7.19 16.71
CA LEU A 306 -1.07 8.01 17.33
C LEU A 306 -1.99 7.20 18.24
N LYS A 307 -2.63 7.90 19.18
CA LYS A 307 -3.54 7.25 20.12
C LYS A 307 -4.78 6.75 19.40
N ASN A 308 -5.02 5.44 19.45
CA ASN A 308 -6.19 4.86 18.80
C ASN A 308 -7.38 5.00 19.73
N LYS A 309 -8.59 4.85 19.19
CA LYS A 309 -9.80 5.01 20.00
C LYS A 309 -10.00 3.88 21.00
N GLY A 310 -10.54 4.24 22.17
CA GLY A 310 -10.80 3.24 23.19
C GLY A 310 -10.04 3.39 24.50
N THR A 311 -10.15 2.37 25.34
CA THR A 311 -9.49 2.38 26.63
C THR A 311 -8.50 1.22 26.71
N GLY A 312 -7.59 1.26 27.68
CA GLY A 312 -6.58 0.22 27.76
C GLY A 312 -5.71 0.44 26.53
N VAL A 313 -5.45 -0.61 25.75
CA VAL A 313 -4.67 -0.45 24.53
C VAL A 313 -5.63 -0.13 23.37
N GLY A 314 -6.89 0.09 23.72
CA GLY A 314 -7.89 0.40 22.72
C GLY A 314 -8.56 -0.82 22.13
N PHE A 315 -9.04 -0.71 20.90
CA PHE A 315 -9.71 -1.79 20.19
C PHE A 315 -10.89 -2.36 21.00
N ASP A 316 -11.47 -1.54 21.88
CA ASP A 316 -12.58 -1.96 22.73
C ASP A 316 -13.65 -2.79 22.03
N LYS A 317 -14.21 -2.26 20.95
CA LYS A 317 -15.25 -2.96 20.21
C LYS A 317 -14.76 -4.25 19.55
N LEU A 318 -13.57 -4.22 18.97
CA LEU A 318 -13.01 -5.39 18.31
C LEU A 318 -12.76 -6.53 19.30
N LEU A 319 -12.19 -6.21 20.44
CA LEU A 319 -11.89 -7.23 21.45
C LEU A 319 -13.17 -7.79 22.03
N GLU A 320 -14.14 -6.92 22.29
CA GLU A 320 -15.41 -7.35 22.85
C GLU A 320 -16.18 -8.20 21.85
N ALA A 321 -15.93 -8.00 20.55
CA ALA A 321 -16.61 -8.75 19.51
C ALA A 321 -16.05 -10.14 19.22
N LEU A 322 -14.93 -10.49 19.85
CA LEU A 322 -14.33 -11.79 19.61
C LEU A 322 -14.88 -12.89 20.50
N THR A 323 -14.84 -14.11 20.00
CA THR A 323 -15.25 -15.28 20.76
C THR A 323 -13.93 -15.72 21.40
N TRP A 324 -13.91 -15.79 22.72
CA TRP A 324 -12.70 -16.19 23.44
C TRP A 324 -12.82 -17.61 23.96
N TYR A 325 -11.81 -18.43 23.65
CA TYR A 325 -11.80 -19.83 24.06
C TYR A 325 -11.02 -20.04 25.35
N GLN A 326 -11.64 -20.75 26.29
CA GLN A 326 -11.02 -21.02 27.57
C GLN A 326 -9.70 -21.76 27.45
N LEU A 327 -8.67 -21.19 28.07
CA LEU A 327 -7.33 -21.74 28.04
C LEU A 327 -6.96 -22.35 29.39
N LYS A 328 -6.61 -21.49 30.34
CA LYS A 328 -6.22 -21.95 31.67
C LYS A 328 -6.74 -20.98 32.72
N LYS B 3 -27.53 6.98 -42.08
CA LYS B 3 -28.60 7.31 -41.09
C LYS B 3 -28.12 6.93 -39.70
N ILE B 4 -28.52 7.72 -38.71
CA ILE B 4 -28.15 7.44 -37.32
C ILE B 4 -29.42 7.51 -36.50
N SER B 5 -29.61 6.51 -35.63
CA SER B 5 -30.78 6.43 -34.77
C SER B 5 -30.28 6.18 -33.36
N TYR B 6 -31.15 6.39 -32.37
CA TYR B 6 -30.72 6.19 -31.00
C TYR B 6 -31.77 5.56 -30.10
N SER B 7 -31.30 5.04 -28.97
CA SER B 7 -32.15 4.45 -27.96
C SER B 7 -31.58 5.00 -26.66
N PRO B 8 -32.37 5.77 -25.91
CA PRO B 8 -31.87 6.34 -24.65
C PRO B 8 -31.77 5.33 -23.51
N TYR B 9 -30.98 5.67 -22.50
CA TYR B 9 -30.84 4.80 -21.33
C TYR B 9 -30.28 5.58 -20.17
N THR B 10 -30.47 5.05 -18.97
CA THR B 10 -29.92 5.68 -17.79
C THR B 10 -29.13 4.61 -17.07
N LEU B 11 -28.01 5.00 -16.47
CA LEU B 11 -27.19 4.06 -15.73
C LEU B 11 -27.19 4.58 -14.30
N LYS B 12 -27.47 3.70 -13.35
CA LYS B 12 -27.50 4.12 -11.94
C LYS B 12 -26.26 3.62 -11.22
N PRO B 13 -25.44 4.53 -10.69
CA PRO B 13 -24.21 4.20 -9.96
C PRO B 13 -24.53 3.30 -8.77
N VAL B 14 -23.59 2.44 -8.40
CA VAL B 14 -23.78 1.55 -7.26
C VAL B 14 -23.91 2.32 -5.93
N ALA B 25 -27.46 9.00 -11.17
CA ALA B 25 -28.15 8.56 -12.37
C ALA B 25 -27.55 9.23 -13.60
N ARG B 26 -27.00 8.43 -14.51
CA ARG B 26 -26.36 8.95 -15.72
C ARG B 26 -27.16 8.68 -16.98
N GLU B 27 -27.21 9.67 -17.86
CA GLU B 27 -27.92 9.52 -19.12
C GLU B 27 -26.97 9.33 -20.30
N GLY B 28 -27.38 8.47 -21.23
CA GLY B 28 -26.59 8.24 -22.42
C GLY B 28 -27.52 7.70 -23.48
N VAL B 29 -26.98 7.38 -24.65
CA VAL B 29 -27.81 6.81 -25.71
C VAL B 29 -27.00 5.81 -26.51
N LEU B 30 -27.64 4.73 -26.92
CA LEU B 30 -26.96 3.77 -27.77
C LEU B 30 -27.26 4.31 -29.15
N LEU B 31 -26.36 4.05 -30.10
CA LEU B 31 -26.54 4.54 -31.46
C LEU B 31 -26.55 3.38 -32.45
N LYS B 32 -27.48 3.45 -33.39
CA LYS B 32 -27.59 2.45 -34.44
C LYS B 32 -27.25 3.25 -35.70
N VAL B 33 -26.16 2.90 -36.35
CA VAL B 33 -25.72 3.61 -37.55
C VAL B 33 -25.85 2.74 -38.78
N GLU B 34 -26.43 3.29 -39.84
CA GLU B 34 -26.62 2.56 -41.08
C GLU B 34 -25.86 3.20 -42.23
N TRP B 35 -25.23 2.37 -43.06
CA TRP B 35 -24.45 2.86 -44.19
C TRP B 35 -25.09 2.51 -45.53
N ASN B 36 -24.67 3.22 -46.57
CA ASN B 36 -25.20 3.01 -47.91
C ASN B 36 -25.01 1.57 -48.40
N ASP B 37 -23.99 0.89 -47.89
CA ASP B 37 -23.76 -0.49 -48.31
C ASP B 37 -24.69 -1.49 -47.63
N GLY B 38 -25.66 -0.99 -46.88
CA GLY B 38 -26.60 -1.86 -46.22
C GLY B 38 -26.21 -2.38 -44.84
N LEU B 39 -24.99 -2.13 -44.41
CA LEU B 39 -24.56 -2.59 -43.10
C LEU B 39 -25.07 -1.65 -42.01
N TYR B 40 -25.25 -2.18 -40.81
CA TYR B 40 -25.70 -1.41 -39.67
C TYR B 40 -24.93 -1.89 -38.45
N GLY B 41 -24.59 -0.96 -37.56
CA GLY B 41 -23.83 -1.33 -36.38
C GLY B 41 -24.25 -0.51 -35.18
N PHE B 42 -23.75 -0.88 -34.01
CA PHE B 42 -24.11 -0.20 -32.77
C PHE B 42 -22.90 0.26 -31.96
N ALA B 43 -23.12 1.31 -31.18
CA ALA B 43 -22.07 1.87 -30.32
C ALA B 43 -22.76 2.65 -29.21
N ASP B 44 -21.97 3.17 -28.29
CA ASP B 44 -22.50 3.93 -27.17
C ASP B 44 -22.05 5.39 -27.26
N LEU B 45 -22.83 6.30 -26.67
CA LEU B 45 -22.48 7.72 -26.59
C LEU B 45 -22.77 8.08 -25.13
N HIS B 46 -21.72 8.28 -24.35
CA HIS B 46 -21.90 8.57 -22.94
C HIS B 46 -21.01 9.71 -22.48
N PRO B 47 -21.53 10.93 -22.50
CA PRO B 47 -20.77 12.11 -22.09
C PRO B 47 -20.50 12.18 -20.60
N TRP B 48 -19.39 12.80 -20.26
CA TRP B 48 -19.02 13.03 -18.87
C TRP B 48 -18.74 14.53 -18.78
N PRO B 49 -19.80 15.33 -18.62
CA PRO B 49 -19.65 16.79 -18.51
C PRO B 49 -18.72 17.12 -17.34
N GLU B 50 -18.69 16.23 -16.36
CA GLU B 50 -17.85 16.42 -15.18
C GLU B 50 -16.38 16.36 -15.56
N LEU B 51 -16.09 15.77 -16.71
CA LEU B 51 -14.71 15.67 -17.17
C LEU B 51 -14.42 16.65 -18.30
N GLY B 52 -15.37 17.55 -18.56
CA GLY B 52 -15.17 18.53 -19.61
C GLY B 52 -15.97 18.33 -20.89
N ASP B 53 -16.67 17.20 -21.02
CA ASP B 53 -17.46 16.96 -22.23
C ASP B 53 -18.70 17.83 -22.29
N LEU B 54 -19.17 18.11 -23.50
CA LEU B 54 -20.41 18.85 -23.68
C LEU B 54 -21.45 17.83 -23.25
N SER B 55 -22.59 18.27 -22.75
CA SER B 55 -23.64 17.36 -22.29
C SER B 55 -24.26 16.55 -23.43
N LEU B 56 -24.93 15.47 -23.08
CA LEU B 56 -25.58 14.64 -24.09
C LEU B 56 -26.53 15.50 -24.92
N GLU B 57 -27.34 16.30 -24.24
CA GLU B 57 -28.29 17.15 -24.95
C GLU B 57 -27.57 18.08 -25.92
N GLU B 58 -26.46 18.68 -25.49
CA GLU B 58 -25.73 19.59 -26.35
C GLU B 58 -25.03 18.89 -27.52
N GLN B 59 -24.46 17.72 -27.26
CA GLN B 59 -23.79 16.99 -28.33
C GLN B 59 -24.79 16.60 -29.41
N LEU B 60 -25.96 16.14 -28.99
CA LEU B 60 -27.00 15.72 -29.93
C LEU B 60 -27.58 16.94 -30.66
N SER B 61 -27.69 18.05 -29.93
CA SER B 61 -28.20 19.28 -30.54
C SER B 61 -27.23 19.75 -31.62
N ASP B 62 -25.93 19.76 -31.29
CA ASP B 62 -24.92 20.19 -32.25
C ASP B 62 -24.90 19.25 -33.45
N LEU B 63 -25.11 17.96 -33.18
CA LEU B 63 -25.12 16.96 -34.23
C LEU B 63 -26.21 17.24 -35.26
N ARG B 64 -27.40 17.56 -34.78
CA ARG B 64 -28.52 17.85 -35.68
C ARG B 64 -28.21 19.07 -36.54
N MET B 65 -27.34 19.94 -36.04
CA MET B 65 -26.97 21.14 -36.77
C MET B 65 -25.71 20.99 -37.62
N GLY B 66 -25.18 19.78 -37.71
CA GLY B 66 -24.01 19.57 -38.55
C GLY B 66 -22.64 19.38 -37.95
N ARG B 67 -22.51 19.28 -36.63
CA ARG B 67 -21.18 19.08 -36.06
C ARG B 67 -21.10 17.89 -35.11
N MET B 68 -20.09 17.05 -35.32
CA MET B 68 -19.87 15.88 -34.47
C MET B 68 -18.70 16.14 -33.53
N THR B 69 -18.88 15.82 -32.26
CA THR B 69 -17.77 15.95 -31.31
C THR B 69 -16.89 14.77 -31.69
N THR B 70 -15.64 14.77 -31.25
CA THR B 70 -14.76 13.65 -31.54
C THR B 70 -15.35 12.40 -30.90
N GLN B 71 -16.05 12.60 -29.77
CA GLN B 71 -16.66 11.48 -29.07
C GLN B 71 -17.71 10.82 -29.98
N ILE B 72 -18.50 11.64 -30.67
CA ILE B 72 -19.50 11.09 -31.58
C ILE B 72 -18.79 10.45 -32.78
N GLU B 73 -17.72 11.09 -33.25
CA GLU B 73 -16.98 10.52 -34.38
C GLU B 73 -16.48 9.12 -33.99
N GLN B 74 -16.05 8.97 -32.74
CA GLN B 74 -15.57 7.68 -32.25
C GLN B 74 -16.71 6.67 -32.16
N SER B 75 -17.88 7.13 -31.72
CA SER B 75 -19.03 6.24 -31.63
C SER B 75 -19.33 5.69 -33.03
N ILE B 76 -19.26 6.54 -34.04
CA ILE B 76 -19.52 6.13 -35.42
C ILE B 76 -18.47 5.13 -35.91
N TRP B 77 -17.21 5.41 -35.61
CA TRP B 77 -16.09 4.55 -36.01
C TRP B 77 -16.29 3.18 -35.38
N LEU B 78 -16.70 3.17 -34.11
CA LEU B 78 -16.93 1.93 -33.39
C LEU B 78 -18.14 1.20 -33.97
N ALA B 79 -19.19 1.95 -34.31
CA ALA B 79 -20.39 1.35 -34.88
C ALA B 79 -20.03 0.67 -36.20
N ARG B 80 -19.10 1.27 -36.94
CA ARG B 80 -18.71 0.67 -38.22
C ARG B 80 -17.94 -0.63 -37.99
N ARG B 81 -17.07 -0.66 -36.97
CA ARG B 81 -16.31 -1.87 -36.66
C ARG B 81 -17.31 -2.96 -36.31
N ASP B 82 -18.32 -2.60 -35.51
CA ASP B 82 -19.37 -3.52 -35.09
C ASP B 82 -20.15 -4.00 -36.32
N ALA B 83 -20.49 -3.06 -37.22
CA ALA B 83 -21.25 -3.42 -38.41
C ALA B 83 -20.49 -4.43 -39.29
N LEU B 84 -19.20 -4.19 -39.50
CA LEU B 84 -18.40 -5.08 -40.33
C LEU B 84 -18.35 -6.49 -39.74
N LEU B 85 -18.19 -6.56 -38.43
CA LEU B 85 -18.12 -7.85 -37.74
C LEU B 85 -19.45 -8.61 -37.76
N ARG B 86 -20.57 -7.89 -37.63
CA ARG B 86 -21.87 -8.54 -37.66
C ARG B 86 -22.10 -9.14 -39.04
N LYS B 87 -21.55 -8.49 -40.07
CA LYS B 87 -21.70 -8.99 -41.45
C LYS B 87 -20.89 -10.27 -41.61
N GLU B 88 -19.70 -10.31 -41.02
CA GLU B 88 -18.82 -11.48 -41.11
C GLU B 88 -19.21 -12.54 -40.08
N LYS B 89 -20.14 -12.18 -39.20
CA LYS B 89 -20.60 -13.07 -38.15
C LYS B 89 -19.45 -13.42 -37.21
N LYS B 90 -18.68 -12.40 -36.85
CA LYS B 90 -17.55 -12.55 -35.93
C LYS B 90 -17.74 -11.59 -34.75
N HIS B 91 -17.04 -11.86 -33.66
CA HIS B 91 -17.13 -11.02 -32.47
C HIS B 91 -15.90 -10.10 -32.44
N VAL B 92 -16.01 -8.93 -31.84
CA VAL B 92 -14.89 -8.00 -31.80
C VAL B 92 -13.64 -8.56 -31.13
N PHE B 93 -13.81 -9.56 -30.26
CA PHE B 93 -12.67 -10.16 -29.57
C PHE B 93 -11.88 -11.08 -30.48
N ASP B 94 -12.55 -11.69 -31.46
CA ASP B 94 -11.90 -12.61 -32.38
C ASP B 94 -10.63 -12.04 -33.02
N GLY B 95 -9.54 -12.80 -32.95
CA GLY B 95 -8.30 -12.34 -33.54
C GLY B 95 -7.47 -11.45 -32.64
N GLY B 96 -8.05 -11.03 -31.52
CA GLY B 96 -7.33 -10.17 -30.59
C GLY B 96 -6.63 -10.99 -29.52
N GLU B 97 -5.75 -10.35 -28.77
CA GLU B 97 -5.02 -11.03 -27.70
C GLU B 97 -5.68 -10.60 -26.39
N LYS B 98 -6.09 -11.58 -25.57
CA LYS B 98 -6.74 -11.23 -24.30
C LYS B 98 -5.86 -10.31 -23.47
N ILE B 99 -6.49 -9.41 -22.73
CA ILE B 99 -5.73 -8.46 -21.94
C ILE B 99 -6.25 -8.30 -20.52
N LYS B 100 -5.34 -8.12 -19.57
CA LYS B 100 -5.72 -7.95 -18.18
C LYS B 100 -6.09 -6.50 -17.89
N ASN B 101 -7.07 -6.32 -17.02
CA ASN B 101 -7.54 -5.00 -16.63
C ASN B 101 -7.17 -4.77 -15.19
N ASN B 102 -7.08 -3.52 -14.79
CA ASN B 102 -6.77 -3.21 -13.41
C ASN B 102 -8.08 -3.20 -12.64
N TYR B 103 -7.97 -3.17 -11.31
CA TYR B 103 -9.15 -3.12 -10.45
C TYR B 103 -9.27 -1.66 -10.00
N LEU B 104 -10.46 -1.09 -10.13
CA LEU B 104 -10.65 0.30 -9.72
C LEU B 104 -11.12 0.33 -8.27
N LEU B 105 -10.27 0.84 -7.39
CA LEU B 105 -10.59 0.92 -5.97
C LEU B 105 -11.20 2.26 -5.59
N SER B 106 -12.28 2.21 -4.80
CA SER B 106 -12.96 3.41 -4.36
C SER B 106 -12.54 3.82 -2.95
N HIS B 107 -12.48 5.13 -2.71
CA HIS B 107 -12.09 5.64 -1.40
C HIS B 107 -13.30 5.66 -0.46
N PHE B 108 -14.47 5.44 -1.03
CA PHE B 108 -15.71 5.43 -0.26
C PHE B 108 -16.03 4.00 0.19
N GLN B 109 -15.10 3.09 -0.09
CA GLN B 109 -15.26 1.70 0.28
C GLN B 109 -14.11 1.27 1.19
N ASP B 110 -14.46 0.67 2.32
CA ASP B 110 -13.45 0.22 3.26
C ASP B 110 -12.89 -1.13 2.84
N LEU B 111 -11.56 -1.22 2.82
CA LEU B 111 -10.91 -2.47 2.45
C LEU B 111 -11.10 -3.45 3.59
N LYS B 112 -11.24 -4.73 3.26
CA LYS B 112 -11.38 -5.78 4.25
C LYS B 112 -10.13 -6.63 4.12
N PRO B 113 -9.60 -7.11 5.25
CA PRO B 113 -8.39 -7.94 5.19
C PRO B 113 -8.52 -9.11 4.23
N GLY B 114 -7.48 -9.33 3.45
CA GLY B 114 -7.48 -10.42 2.49
C GLY B 114 -8.12 -10.12 1.15
N PHE B 115 -8.88 -9.02 1.04
CA PHE B 115 -9.53 -8.70 -0.23
C PHE B 115 -8.55 -8.47 -1.37
N LEU B 116 -7.58 -7.59 -1.16
CA LEU B 116 -6.59 -7.30 -2.19
C LEU B 116 -5.80 -8.56 -2.51
N ASP B 117 -5.49 -9.33 -1.47
CA ASP B 117 -4.75 -10.57 -1.62
C ASP B 117 -5.57 -11.50 -2.53
N GLY B 118 -6.88 -11.48 -2.34
CA GLY B 118 -7.78 -12.30 -3.13
C GLY B 118 -7.77 -11.95 -4.60
N LEU B 119 -7.77 -10.66 -4.91
CA LEU B 119 -7.75 -10.20 -6.30
C LEU B 119 -6.44 -10.66 -6.93
N LYS B 120 -5.34 -10.45 -6.23
CA LYS B 120 -4.03 -10.83 -6.73
C LYS B 120 -4.01 -12.31 -7.10
N ASN B 121 -4.61 -13.14 -6.24
CA ASN B 121 -4.65 -14.57 -6.47
C ASN B 121 -5.48 -14.95 -7.70
N GLU B 122 -6.46 -14.10 -8.04
CA GLU B 122 -7.30 -14.37 -9.20
C GLU B 122 -6.70 -13.82 -10.49
N GLY B 123 -5.52 -13.23 -10.40
CA GLY B 123 -4.88 -12.73 -11.61
C GLY B 123 -4.62 -11.24 -11.72
N TYR B 124 -5.22 -10.46 -10.83
CA TYR B 124 -5.03 -9.01 -10.88
C TYR B 124 -3.59 -8.63 -10.57
N ASN B 125 -3.09 -7.61 -11.27
CA ASN B 125 -1.74 -7.11 -11.06
C ASN B 125 -1.73 -5.65 -10.63
N THR B 126 -2.77 -4.92 -11.00
CA THR B 126 -2.76 -3.50 -10.68
C THR B 126 -4.09 -2.94 -10.22
N VAL B 127 -3.98 -1.86 -9.44
CA VAL B 127 -5.14 -1.17 -8.89
C VAL B 127 -5.05 0.30 -9.31
N LYS B 128 -6.17 0.85 -9.74
CA LYS B 128 -6.20 2.25 -10.15
C LYS B 128 -6.86 2.98 -9.01
N VAL B 129 -6.31 4.12 -8.64
CA VAL B 129 -6.85 4.91 -7.53
C VAL B 129 -6.96 6.38 -7.93
N LYS B 130 -8.13 6.98 -7.72
CA LYS B 130 -8.31 8.39 -8.03
C LYS B 130 -7.72 9.17 -6.86
N MET B 131 -6.89 10.18 -7.17
CA MET B 131 -6.25 10.98 -6.14
C MET B 131 -6.68 12.44 -6.21
N GLY B 132 -6.74 13.11 -5.06
CA GLY B 132 -7.14 14.50 -5.04
C GLY B 132 -8.01 14.89 -3.87
N ARG B 133 -8.90 14.01 -3.48
CA ARG B 133 -9.81 14.27 -2.36
C ARG B 133 -9.01 14.53 -1.08
N ASP B 134 -8.27 13.52 -0.64
CA ASP B 134 -7.46 13.62 0.56
C ASP B 134 -6.20 12.79 0.40
N LEU B 135 -5.06 13.45 0.21
CA LEU B 135 -3.78 12.78 0.04
C LEU B 135 -3.45 11.77 1.12
N GLN B 136 -3.67 12.13 2.39
CA GLN B 136 -3.38 11.23 3.50
C GLN B 136 -4.28 9.99 3.45
N LYS B 137 -5.59 10.24 3.45
CA LYS B 137 -6.59 9.16 3.40
C LYS B 137 -6.23 8.21 2.25
N GLU B 138 -5.79 8.78 1.14
CA GLU B 138 -5.43 8.04 -0.04
C GLU B 138 -4.04 7.40 0.07
N ALA B 139 -3.10 8.13 0.67
CA ALA B 139 -1.73 7.62 0.83
C ALA B 139 -1.73 6.31 1.62
N ASP B 140 -2.61 6.22 2.62
CA ASP B 140 -2.70 5.02 3.43
C ASP B 140 -3.28 3.87 2.62
N MET B 141 -4.13 4.21 1.64
CA MET B 141 -4.72 3.20 0.78
C MET B 141 -3.61 2.63 -0.09
N LEU B 142 -2.71 3.50 -0.56
CA LEU B 142 -1.61 3.05 -1.41
C LEU B 142 -0.68 2.10 -0.66
N THR B 143 -0.52 2.32 0.65
CA THR B 143 0.32 1.45 1.45
C THR B 143 -0.27 0.04 1.49
N HIS B 144 -1.58 -0.06 1.62
CA HIS B 144 -2.24 -1.37 1.65
C HIS B 144 -2.12 -2.05 0.31
N ILE B 145 -2.20 -1.28 -0.77
CA ILE B 145 -2.06 -1.86 -2.10
C ILE B 145 -0.63 -2.41 -2.22
N ALA B 146 0.33 -1.60 -1.82
CA ALA B 146 1.74 -1.99 -1.86
C ALA B 146 1.97 -3.25 -1.02
N ALA B 147 1.37 -3.29 0.16
CA ALA B 147 1.53 -4.42 1.06
C ALA B 147 1.07 -5.73 0.43
N SER B 148 0.14 -5.65 -0.51
CA SER B 148 -0.36 -6.85 -1.19
C SER B 148 0.53 -7.20 -2.38
N GLY B 149 1.47 -6.32 -2.69
CA GLY B 149 2.38 -6.55 -3.80
C GLY B 149 1.85 -6.21 -5.17
N MET B 150 0.75 -5.47 -5.24
CA MET B 150 0.16 -5.11 -6.52
C MET B 150 0.65 -3.74 -7.00
N ARG B 151 0.69 -3.55 -8.32
CA ARG B 151 1.11 -2.27 -8.88
C ARG B 151 -0.07 -1.33 -8.79
N MET B 152 0.17 -0.02 -8.89
CA MET B 152 -0.92 0.92 -8.83
C MET B 152 -0.79 2.08 -9.80
N ARG B 153 -1.93 2.58 -10.25
CA ARG B 153 -1.98 3.70 -11.19
C ARG B 153 -2.69 4.82 -10.46
N LEU B 154 -2.04 5.97 -10.34
CA LEU B 154 -2.64 7.09 -9.63
C LEU B 154 -3.14 8.13 -10.62
N ASP B 155 -4.40 8.52 -10.46
CA ASP B 155 -5.00 9.50 -11.35
C ASP B 155 -5.38 10.77 -10.60
N PHE B 156 -4.64 11.84 -10.86
CA PHE B 156 -4.87 13.12 -10.21
C PHE B 156 -5.86 14.00 -10.98
N ASN B 157 -6.22 13.57 -12.18
CA ASN B 157 -7.15 14.32 -13.00
C ASN B 157 -6.76 15.79 -13.14
N ALA B 158 -5.45 16.04 -13.10
CA ALA B 158 -4.89 17.39 -13.25
C ALA B 158 -5.35 18.41 -12.20
N LEU B 159 -5.66 17.94 -11.00
CA LEU B 159 -6.12 18.84 -9.95
C LEU B 159 -4.98 19.31 -9.04
N GLY B 160 -3.88 18.59 -9.05
CA GLY B 160 -2.76 18.97 -8.21
C GLY B 160 -2.02 20.19 -8.71
N SER B 161 -0.73 20.23 -8.40
CA SER B 161 0.14 21.32 -8.82
C SER B 161 1.55 20.76 -8.81
N TRP B 162 2.44 21.39 -9.56
CA TRP B 162 3.82 20.94 -9.62
C TRP B 162 4.36 20.75 -8.21
N GLN B 163 4.06 21.72 -7.34
CA GLN B 163 4.50 21.71 -5.97
C GLN B 163 3.77 20.70 -5.09
N THR B 164 2.44 20.76 -5.10
CA THR B 164 1.65 19.84 -4.29
C THR B 164 1.93 18.39 -4.68
N PHE B 165 2.34 18.17 -5.93
CA PHE B 165 2.63 16.83 -6.43
C PHE B 165 4.00 16.29 -6.03
N GLU B 166 5.01 17.15 -6.00
CA GLU B 166 6.35 16.71 -5.64
C GLU B 166 6.44 16.28 -4.17
N LYS B 167 5.80 17.04 -3.29
CA LYS B 167 5.81 16.73 -1.87
C LYS B 167 5.30 15.31 -1.64
N PHE B 168 4.22 14.98 -2.35
CA PHE B 168 3.60 13.66 -2.24
C PHE B 168 4.52 12.51 -2.58
N MET B 169 4.99 12.46 -3.82
CA MET B 169 5.85 11.39 -4.31
C MET B 169 7.06 10.98 -3.47
N VAL B 170 7.82 11.96 -2.97
CA VAL B 170 9.01 11.64 -2.18
C VAL B 170 8.66 10.94 -0.86
N ASN B 171 7.47 11.20 -0.34
CA ASN B 171 7.02 10.62 0.92
C ASN B 171 6.59 9.15 0.84
N LEU B 172 6.17 8.70 -0.35
CA LEU B 172 5.74 7.31 -0.50
C LEU B 172 6.83 6.33 -0.08
N PRO B 173 6.45 5.33 0.73
CA PRO B 173 7.36 4.28 1.24
C PRO B 173 8.18 3.61 0.14
N LEU B 174 9.33 3.04 0.52
CA LEU B 174 10.19 2.37 -0.45
C LEU B 174 9.48 1.16 -1.05
N THR B 175 8.38 0.75 -0.43
CA THR B 175 7.60 -0.38 -0.90
C THR B 175 6.59 0.08 -1.94
N VAL B 176 6.08 1.30 -1.77
CA VAL B 176 5.09 1.88 -2.67
C VAL B 176 5.73 2.38 -3.97
N ARG B 177 6.68 3.32 -3.84
CA ARG B 177 7.36 3.90 -5.00
C ARG B 177 7.59 2.96 -6.18
N PRO B 178 8.29 1.84 -5.97
CA PRO B 178 8.54 0.91 -7.07
C PRO B 178 7.29 0.21 -7.57
N LEU B 179 6.18 0.40 -6.87
CA LEU B 179 4.92 -0.23 -7.26
C LEU B 179 4.00 0.69 -8.05
N ILE B 180 4.39 1.94 -8.21
CA ILE B 180 3.59 2.89 -8.98
C ILE B 180 3.93 2.74 -10.46
N GLU B 181 3.01 2.17 -11.23
CA GLU B 181 3.27 2.00 -12.65
C GLU B 181 3.41 3.37 -13.27
N TYR B 182 2.45 4.24 -12.97
CA TYR B 182 2.48 5.61 -13.47
C TYR B 182 1.43 6.49 -12.81
N VAL B 183 1.56 7.79 -13.03
CA VAL B 183 0.63 8.77 -12.50
C VAL B 183 -0.01 9.45 -13.70
N GLU B 184 -1.34 9.50 -13.72
CA GLU B 184 -2.07 10.14 -14.81
C GLU B 184 -2.34 11.60 -14.50
N ASP B 185 -2.10 12.46 -15.49
CA ASP B 185 -2.32 13.89 -15.34
C ASP B 185 -2.06 14.35 -13.91
N PRO B 186 -0.78 14.39 -13.49
CA PRO B 186 -0.47 14.81 -12.13
C PRO B 186 -0.92 16.24 -11.80
N PHE B 187 -0.98 17.08 -12.82
CA PHE B 187 -1.42 18.48 -12.68
C PHE B 187 -1.55 19.07 -14.09
N PRO B 188 -2.15 20.27 -14.20
CA PRO B 188 -2.30 20.88 -15.53
C PRO B 188 -1.04 20.78 -16.39
N PHE B 189 -1.22 20.43 -17.66
CA PHE B 189 -0.09 20.29 -18.58
C PHE B 189 0.81 21.50 -18.71
N ASP B 190 2.11 21.24 -18.64
CA ASP B 190 3.16 22.24 -18.78
C ASP B 190 4.37 21.41 -19.21
N PHE B 191 4.99 21.76 -20.33
CA PHE B 191 6.12 20.97 -20.83
C PHE B 191 7.23 20.75 -19.81
N HIS B 192 7.74 21.84 -19.23
CA HIS B 192 8.83 21.75 -18.27
C HIS B 192 8.42 21.03 -16.99
N ALA B 193 7.30 21.44 -16.42
CA ALA B 193 6.80 20.86 -15.18
C ALA B 193 6.60 19.36 -15.30
N TRP B 194 6.01 18.93 -16.42
CA TRP B 194 5.77 17.51 -16.66
C TRP B 194 7.08 16.77 -16.91
N GLY B 195 7.97 17.39 -17.68
CA GLY B 195 9.26 16.77 -17.95
C GLY B 195 10.00 16.48 -16.66
N GLU B 196 9.95 17.40 -15.72
CA GLU B 196 10.62 17.24 -14.43
C GLU B 196 9.87 16.27 -13.52
N ALA B 197 8.55 16.22 -13.68
CA ALA B 197 7.73 15.32 -12.89
C ALA B 197 8.08 13.87 -13.21
N ARG B 198 8.57 13.64 -14.42
CA ARG B 198 8.95 12.30 -14.85
C ARG B 198 10.05 11.73 -13.97
N LYS B 199 10.78 12.60 -13.29
CA LYS B 199 11.87 12.18 -12.40
C LYS B 199 11.32 11.47 -11.16
N LEU B 200 10.11 11.83 -10.76
CA LEU B 200 9.47 11.26 -9.57
C LEU B 200 8.70 9.97 -9.87
N ALA B 201 8.22 9.84 -11.10
CA ALA B 201 7.47 8.66 -11.50
C ALA B 201 7.11 8.77 -12.98
N LYS B 202 6.76 7.64 -13.59
CA LYS B 202 6.36 7.66 -14.99
C LYS B 202 5.04 8.40 -15.03
N ILE B 203 4.85 9.20 -16.08
CA ILE B 203 3.66 10.01 -16.21
C ILE B 203 2.79 9.57 -17.40
N ALA B 204 1.49 9.47 -17.16
CA ALA B 204 0.54 9.08 -18.21
C ALA B 204 -0.28 10.29 -18.61
N LEU B 205 -0.48 10.46 -19.91
CA LEU B 205 -1.23 11.58 -20.46
C LEU B 205 -2.63 11.09 -20.77
N ASP B 206 -3.64 11.63 -20.08
CA ASP B 206 -5.02 11.23 -20.32
C ASP B 206 -5.92 12.39 -20.73
N ASN B 207 -6.52 13.06 -19.74
CA ASN B 207 -7.44 14.17 -20.01
C ASN B 207 -6.76 15.44 -20.51
N GLN B 208 -5.44 15.50 -20.37
CA GLN B 208 -4.68 16.67 -20.81
C GLN B 208 -4.16 16.47 -22.23
N TYR B 209 -4.62 15.40 -22.86
CA TYR B 209 -4.21 15.06 -24.22
C TYR B 209 -4.25 16.25 -25.19
N ASP B 210 -5.37 16.97 -25.19
CA ASP B 210 -5.54 18.10 -26.10
C ASP B 210 -4.76 19.35 -25.78
N LYS B 211 -3.98 19.33 -24.70
CA LYS B 211 -3.18 20.49 -24.35
C LYS B 211 -1.77 20.37 -24.92
N VAL B 212 -1.46 19.22 -25.50
CA VAL B 212 -0.14 18.99 -26.07
C VAL B 212 -0.01 19.42 -27.52
N PRO B 213 0.92 20.34 -27.81
CA PRO B 213 1.14 20.83 -29.18
C PRO B 213 2.00 19.79 -29.91
N TRP B 214 1.34 18.73 -30.36
CA TRP B 214 1.99 17.61 -31.03
C TRP B 214 3.07 17.88 -32.09
N GLY B 215 2.69 18.49 -33.21
CA GLY B 215 3.69 18.75 -34.24
C GLY B 215 4.64 19.88 -33.90
N LYS B 216 4.73 20.23 -32.62
CA LYS B 216 5.58 21.32 -32.18
C LYS B 216 6.59 20.97 -31.10
N ILE B 217 6.36 19.86 -30.40
CA ILE B 217 7.27 19.46 -29.32
C ILE B 217 8.54 18.77 -29.81
N ALA B 218 9.65 19.05 -29.13
CA ALA B 218 10.95 18.47 -29.48
C ALA B 218 11.09 17.05 -28.92
N SER B 219 10.34 16.78 -27.87
CA SER B 219 10.33 15.47 -27.23
C SER B 219 9.00 15.33 -26.48
N ALA B 220 8.70 14.13 -26.00
CA ALA B 220 7.46 13.89 -25.27
C ALA B 220 7.71 13.88 -23.77
N PRO B 221 7.17 14.88 -23.04
CA PRO B 221 7.34 14.98 -21.60
C PRO B 221 6.38 14.12 -20.79
N PHE B 222 6.19 12.89 -21.26
CA PHE B 222 5.35 11.91 -20.59
C PHE B 222 5.77 10.54 -21.09
N ASP B 223 5.43 9.50 -20.32
CA ASP B 223 5.82 8.14 -20.65
C ASP B 223 4.74 7.26 -21.26
N VAL B 224 3.48 7.61 -20.97
CA VAL B 224 2.35 6.81 -21.42
C VAL B 224 1.21 7.65 -21.96
N ILE B 225 0.59 7.18 -23.04
CA ILE B 225 -0.57 7.86 -23.61
C ILE B 225 -1.76 6.95 -23.30
N VAL B 226 -2.78 7.50 -22.66
CA VAL B 226 -3.99 6.74 -22.31
C VAL B 226 -4.99 6.92 -23.45
N ILE B 227 -5.45 5.83 -24.03
CA ILE B 227 -6.41 5.88 -25.12
C ILE B 227 -7.78 5.44 -24.66
N LYS B 228 -8.77 6.31 -24.84
CA LYS B 228 -10.15 5.98 -24.49
C LYS B 228 -10.85 5.87 -25.84
N PRO B 229 -11.12 4.64 -26.32
CA PRO B 229 -11.79 4.44 -27.60
C PRO B 229 -13.07 5.25 -27.75
N ALA B 230 -13.70 5.58 -26.63
CA ALA B 230 -14.93 6.36 -26.65
C ALA B 230 -14.71 7.80 -27.12
N LYS B 231 -13.51 8.34 -26.95
CA LYS B 231 -13.30 9.71 -27.37
C LYS B 231 -11.93 10.06 -27.94
N THR B 232 -11.01 9.11 -27.96
CA THR B 232 -9.66 9.34 -28.50
C THR B 232 -9.52 8.85 -29.94
N ASP B 233 -8.78 9.59 -30.76
CA ASP B 233 -8.52 9.18 -32.14
C ASP B 233 -7.43 8.12 -32.01
N VAL B 234 -7.82 6.85 -32.08
CA VAL B 234 -6.87 5.75 -31.91
C VAL B 234 -5.65 5.76 -32.82
N ASP B 235 -5.86 5.82 -34.13
CA ASP B 235 -4.73 5.82 -35.06
C ASP B 235 -3.74 6.94 -34.75
N LYS B 236 -4.27 8.13 -34.47
CA LYS B 236 -3.43 9.27 -34.15
C LYS B 236 -2.62 9.03 -32.88
N ALA B 237 -3.26 8.45 -31.86
CA ALA B 237 -2.57 8.16 -30.61
C ALA B 237 -1.46 7.13 -30.80
N VAL B 238 -1.78 6.07 -31.54
CA VAL B 238 -0.81 5.03 -31.82
C VAL B 238 0.41 5.60 -32.54
N ALA B 239 0.17 6.48 -33.50
CA ALA B 239 1.24 7.10 -34.29
C ALA B 239 2.19 7.91 -33.41
N GLN B 240 1.63 8.66 -32.47
CA GLN B 240 2.44 9.48 -31.58
C GLN B 240 3.23 8.57 -30.63
N CYS B 241 2.61 7.48 -30.20
CA CYS B 241 3.27 6.55 -29.30
C CYS B 241 4.46 5.90 -30.00
N GLN B 242 4.31 5.62 -31.29
CA GLN B 242 5.38 5.00 -32.07
C GLN B 242 6.48 6.02 -32.32
N LYS B 243 6.08 7.26 -32.61
CA LYS B 243 7.02 8.33 -32.90
C LYS B 243 7.95 8.63 -31.73
N TRP B 244 7.41 8.62 -30.52
CA TRP B 244 8.22 8.91 -29.34
C TRP B 244 8.55 7.68 -28.50
N ASN B 245 8.34 6.50 -29.07
CA ASN B 245 8.65 5.25 -28.37
C ASN B 245 8.06 5.25 -26.96
N LEU B 246 6.75 5.46 -26.87
CA LEU B 246 6.06 5.48 -25.60
C LEU B 246 5.31 4.17 -25.43
N LYS B 247 4.42 4.15 -24.45
CA LYS B 247 3.59 2.99 -24.18
C LYS B 247 2.17 3.51 -24.14
N LEU B 248 1.20 2.63 -24.37
CA LEU B 248 -0.18 3.05 -24.32
C LEU B 248 -1.01 2.17 -23.41
N ALA B 249 -2.04 2.76 -22.82
CA ALA B 249 -2.95 2.04 -21.96
C ALA B 249 -4.36 2.35 -22.45
N VAL B 250 -5.15 1.31 -22.66
CA VAL B 250 -6.51 1.49 -23.16
C VAL B 250 -7.53 1.34 -22.02
N THR B 251 -8.46 2.29 -21.92
CA THR B 251 -9.47 2.23 -20.88
C THR B 251 -10.86 2.49 -21.43
N SER B 252 -11.87 2.16 -20.62
CA SER B 252 -13.26 2.41 -20.99
C SER B 252 -13.50 3.86 -20.57
N TYR B 253 -14.75 4.27 -20.50
CA TYR B 253 -15.07 5.65 -20.13
C TYR B 253 -16.22 5.67 -19.12
N MET B 254 -16.18 4.75 -18.15
CA MET B 254 -17.21 4.64 -17.12
C MET B 254 -18.55 4.80 -17.83
N ASP B 255 -18.67 4.05 -18.91
CA ASP B 255 -19.83 4.09 -19.79
C ASP B 255 -20.68 2.83 -19.83
N HIS B 256 -21.54 2.75 -20.84
CA HIS B 256 -22.45 1.62 -21.03
C HIS B 256 -21.69 0.33 -21.39
N PRO B 257 -22.28 -0.85 -21.07
CA PRO B 257 -21.63 -2.12 -21.40
C PRO B 257 -21.21 -2.20 -22.87
N VAL B 258 -22.01 -1.59 -23.75
CA VAL B 258 -21.66 -1.57 -25.17
C VAL B 258 -20.33 -0.84 -25.35
N GLY B 259 -20.16 0.27 -24.64
CA GLY B 259 -18.93 1.03 -24.73
C GLY B 259 -17.75 0.23 -24.19
N VAL B 260 -17.99 -0.45 -23.07
CA VAL B 260 -16.96 -1.27 -22.44
C VAL B 260 -16.49 -2.40 -23.36
N VAL B 261 -17.41 -3.13 -23.97
CA VAL B 261 -16.99 -4.22 -24.85
C VAL B 261 -16.22 -3.65 -26.03
N HIS B 262 -16.71 -2.55 -26.60
CA HIS B 262 -16.01 -1.91 -27.70
C HIS B 262 -14.57 -1.57 -27.31
N ALA B 263 -14.39 -1.04 -26.10
CA ALA B 263 -13.07 -0.64 -25.63
C ALA B 263 -12.12 -1.82 -25.48
N VAL B 264 -12.63 -2.91 -24.90
CA VAL B 264 -11.82 -4.10 -24.72
C VAL B 264 -11.44 -4.66 -26.09
N GLY B 265 -12.38 -4.60 -27.04
CA GLY B 265 -12.10 -5.09 -28.38
C GLY B 265 -10.93 -4.35 -29.00
N VAL B 266 -10.91 -3.04 -28.81
CA VAL B 266 -9.83 -2.23 -29.36
C VAL B 266 -8.51 -2.59 -28.68
N ALA B 267 -8.56 -2.73 -27.35
CA ALA B 267 -7.37 -3.06 -26.58
C ALA B 267 -6.78 -4.40 -27.01
N MET B 268 -7.64 -5.39 -27.23
CA MET B 268 -7.16 -6.72 -27.64
C MET B 268 -6.55 -6.66 -29.03
N GLU B 269 -7.10 -5.82 -29.90
CA GLU B 269 -6.58 -5.70 -31.25
C GLU B 269 -5.19 -5.05 -31.20
N LEU B 270 -5.08 -3.98 -30.44
CA LEU B 270 -3.81 -3.27 -30.29
C LEU B 270 -2.75 -4.18 -29.66
N LYS B 271 -3.16 -4.95 -28.66
CA LYS B 271 -2.24 -5.85 -27.98
C LYS B 271 -1.69 -6.88 -28.95
N ASP B 272 -2.57 -7.46 -29.76
CA ASP B 272 -2.14 -8.46 -30.74
C ASP B 272 -1.20 -7.85 -31.76
N LYS B 273 -1.40 -6.58 -32.08
CA LYS B 273 -0.59 -5.90 -33.08
C LYS B 273 0.72 -5.32 -32.57
N TYR B 274 0.67 -4.66 -31.44
CA TYR B 274 1.84 -3.98 -30.89
C TYR B 274 2.47 -4.60 -29.65
N GLY B 275 1.92 -5.73 -29.23
CA GLY B 275 2.42 -6.45 -28.07
C GLY B 275 2.87 -5.64 -26.87
N ASP B 276 4.15 -5.74 -26.55
CA ASP B 276 4.74 -5.04 -25.41
C ASP B 276 4.51 -3.53 -25.37
N MET B 277 4.10 -2.93 -26.48
CA MET B 277 3.84 -1.49 -26.47
C MET B 277 2.56 -1.21 -25.71
N ILE B 278 1.70 -2.23 -25.59
CA ILE B 278 0.43 -2.09 -24.89
C ILE B 278 0.51 -2.56 -23.44
N LEU B 279 0.13 -1.69 -22.52
CA LEU B 279 0.14 -2.00 -21.10
C LEU B 279 -1.21 -2.59 -20.71
N GLU B 280 -1.36 -2.98 -19.44
CA GLU B 280 -2.63 -3.51 -18.99
C GLU B 280 -3.72 -2.46 -19.19
N SER B 281 -4.94 -2.91 -19.39
CA SER B 281 -6.07 -2.00 -19.64
C SER B 281 -6.83 -1.58 -18.39
N GLY B 282 -7.81 -0.70 -18.59
CA GLY B 282 -8.65 -0.23 -17.51
C GLY B 282 -10.06 -0.14 -18.04
N CYS B 283 -10.58 -1.27 -18.54
CA CYS B 283 -11.92 -1.34 -19.12
C CYS B 283 -12.99 -2.05 -18.31
N LEU B 284 -12.60 -2.73 -17.24
CA LEU B 284 -13.55 -3.47 -16.41
C LEU B 284 -14.30 -2.54 -15.49
N THR B 285 -15.26 -1.80 -16.05
CA THR B 285 -16.01 -0.83 -15.27
C THR B 285 -17.53 -1.04 -15.28
N HIS B 286 -17.99 -2.16 -15.84
CA HIS B 286 -19.42 -2.41 -15.90
C HIS B 286 -20.04 -2.62 -14.52
N ARG B 287 -19.23 -3.03 -13.55
CA ARG B 287 -19.73 -3.25 -12.20
C ARG B 287 -19.88 -1.93 -11.44
N LEU B 288 -19.55 -0.83 -12.09
CA LEU B 288 -19.66 0.48 -11.46
C LEU B 288 -21.13 0.91 -11.44
N TYR B 289 -21.95 0.24 -12.24
CA TYR B 289 -23.37 0.56 -12.31
C TYR B 289 -24.26 -0.62 -11.96
N GLN B 290 -25.49 -0.31 -11.55
CA GLN B 290 -26.44 -1.35 -11.22
C GLN B 290 -26.79 -2.10 -12.50
N MET B 291 -26.96 -3.42 -12.36
CA MET B 291 -27.26 -4.29 -13.48
C MET B 291 -28.38 -3.83 -14.41
N ASP B 292 -28.13 -3.96 -15.70
CA ASP B 292 -29.10 -3.63 -16.73
C ASP B 292 -29.07 -4.88 -17.61
N SER B 293 -29.98 -4.97 -18.57
CA SER B 293 -30.03 -6.14 -19.44
C SER B 293 -28.70 -6.45 -20.14
N PHE B 294 -27.96 -5.41 -20.52
CA PHE B 294 -26.69 -5.60 -21.20
C PHE B 294 -25.62 -6.15 -20.27
N ALA B 295 -25.43 -5.52 -19.11
CA ALA B 295 -24.42 -5.98 -18.15
C ALA B 295 -24.68 -7.42 -17.74
N ALA B 296 -25.94 -7.81 -17.72
CA ALA B 296 -26.32 -9.18 -17.34
C ALA B 296 -25.68 -10.22 -18.24
N GLU B 297 -25.33 -9.84 -19.47
CA GLU B 297 -24.73 -10.79 -20.40
C GLU B 297 -23.21 -10.81 -20.41
N LEU B 298 -22.60 -10.03 -19.52
CA LEU B 298 -21.14 -10.00 -19.43
C LEU B 298 -20.66 -10.85 -18.27
N SER B 299 -19.51 -11.49 -18.47
CA SER B 299 -18.91 -12.33 -17.46
C SER B 299 -17.42 -12.02 -17.40
N THR B 300 -16.81 -12.28 -16.25
CA THR B 300 -15.39 -12.05 -16.07
C THR B 300 -14.70 -13.24 -15.44
N GLN B 301 -13.38 -13.27 -15.59
CA GLN B 301 -12.54 -14.31 -15.00
C GLN B 301 -11.40 -13.48 -14.46
N GLY B 302 -11.53 -13.10 -13.18
CA GLY B 302 -10.50 -12.28 -12.58
C GLY B 302 -10.40 -10.97 -13.34
N PRO B 303 -9.19 -10.58 -13.79
CA PRO B 303 -8.95 -9.35 -14.53
C PRO B 303 -9.38 -9.37 -16.00
N TYR B 304 -9.94 -10.49 -16.44
CA TYR B 304 -10.35 -10.63 -17.84
C TYR B 304 -11.84 -10.48 -18.09
N LEU B 305 -12.17 -9.78 -19.17
CA LEU B 305 -13.55 -9.65 -19.57
C LEU B 305 -13.71 -10.79 -20.56
N LEU B 306 -14.67 -11.67 -20.32
CA LEU B 306 -14.87 -12.81 -21.20
C LEU B 306 -15.70 -12.45 -22.41
N LYS B 307 -15.55 -13.23 -23.48
CA LYS B 307 -16.27 -13.02 -24.71
C LYS B 307 -17.75 -13.28 -24.51
N ASN B 308 -18.57 -12.26 -24.72
CA ASN B 308 -20.02 -12.42 -24.57
C ASN B 308 -20.61 -13.00 -25.85
N LYS B 309 -21.80 -13.58 -25.74
CA LYS B 309 -22.45 -14.19 -26.89
C LYS B 309 -22.89 -13.19 -27.94
N GLY B 310 -22.80 -13.60 -29.20
CA GLY B 310 -23.24 -12.74 -30.29
C GLY B 310 -22.14 -12.35 -31.25
N THR B 311 -22.45 -11.38 -32.11
CA THR B 311 -21.52 -10.88 -33.10
C THR B 311 -21.30 -9.39 -32.92
N GLY B 312 -20.18 -8.88 -33.44
CA GLY B 312 -19.88 -7.48 -33.24
C GLY B 312 -19.51 -7.42 -31.76
N VAL B 313 -20.08 -6.47 -31.02
CA VAL B 313 -19.78 -6.39 -29.58
C VAL B 313 -20.73 -7.32 -28.84
N GLY B 314 -21.57 -8.02 -29.59
CA GLY B 314 -22.53 -8.94 -29.00
C GLY B 314 -23.88 -8.31 -28.76
N PHE B 315 -24.62 -8.82 -27.78
CA PHE B 315 -25.95 -8.30 -27.43
C PHE B 315 -26.89 -8.29 -28.62
N ASP B 316 -26.68 -9.16 -29.60
CA ASP B 316 -27.52 -9.21 -30.80
C ASP B 316 -29.03 -9.09 -30.58
N LYS B 317 -29.60 -9.98 -29.78
CA LYS B 317 -31.03 -9.96 -29.53
C LYS B 317 -31.50 -8.70 -28.80
N LEU B 318 -30.70 -8.26 -27.83
CA LEU B 318 -31.03 -7.06 -27.07
C LEU B 318 -31.10 -5.83 -27.96
N LEU B 319 -30.10 -5.65 -28.83
CA LEU B 319 -30.07 -4.50 -29.71
C LEU B 319 -31.19 -4.55 -30.74
N GLU B 320 -31.42 -5.73 -31.30
CA GLU B 320 -32.46 -5.93 -32.30
C GLU B 320 -33.86 -5.73 -31.70
N ALA B 321 -33.97 -5.93 -30.39
CA ALA B 321 -35.25 -5.80 -29.70
C ALA B 321 -35.65 -4.36 -29.37
N LEU B 322 -34.69 -3.44 -29.40
CA LEU B 322 -34.97 -2.04 -29.09
C LEU B 322 -35.60 -1.28 -30.25
N THR B 323 -36.38 -0.26 -29.90
CA THR B 323 -36.99 0.61 -30.89
C THR B 323 -35.97 1.74 -31.02
N TRP B 324 -35.56 2.04 -32.24
CA TRP B 324 -34.57 3.09 -32.47
C TRP B 324 -35.24 4.31 -33.08
N TYR B 325 -34.91 5.49 -32.56
CA TYR B 325 -35.49 6.73 -33.05
C TYR B 325 -34.51 7.45 -33.97
N GLN B 326 -35.03 7.87 -35.12
CA GLN B 326 -34.21 8.57 -36.10
C GLN B 326 -33.63 9.84 -35.51
N LEU B 327 -32.35 10.05 -35.76
CA LEU B 327 -31.65 11.21 -35.25
C LEU B 327 -31.29 12.13 -36.40
N LYS B 328 -30.38 11.68 -37.26
CA LYS B 328 -29.93 12.45 -38.41
C LYS B 328 -29.70 11.53 -39.61
MG MG C . 17.88 -6.67 17.93
MG MG D . -7.69 9.52 -16.08
#